data_7RU4
#
_entry.id   7RU4
#
_cell.length_a   1.00
_cell.length_b   1.00
_cell.length_c   1.00
_cell.angle_alpha   90.00
_cell.angle_beta   90.00
_cell.angle_gamma   90.00
#
_symmetry.space_group_name_H-M   'P 1'
#
loop_
_entity.id
_entity.type
_entity.pdbx_description
1 polymer 'CC6.33 IgG heavy chain Fv'
2 polymer 'CC6.33 IgG kappa chain Fv'
3 polymer 'Spike glycoprotein'
4 branched 2-acetamido-2-deoxy-beta-D-glucopyranose-(1-4)-[alpha-L-fucopyranose-(1-6)]2-acetamido-2-deoxy-beta-D-glucopyranose
5 non-polymer 2-acetamido-2-deoxy-beta-D-glucopyranose
#
loop_
_entity_poly.entity_id
_entity_poly.type
_entity_poly.pdbx_seq_one_letter_code
_entity_poly.pdbx_strand_id
1 'polypeptide(L)'
;QVQLVQSGAEVKKPGSSVKVSCKASGGTFSSSAISWVRQAPGQGLEWMGGIIPILDITNYAQKFQGRVTITADKSTSTAF
MELSSLRSEDTAVYYCALRNQWDLLVYWGQGTLVTVSS
;
H
2 'polypeptide(L)'
;EIVLTQSPGTLSLSPGERATLSCRASQSVSSSYLAWYQQKPGQAPRLLIYGASSRATGIPDRFSGSGSGTDFTLTISRLE
PEDFAVYYCQHYGSSLWTFGQGTKLEIK
;
L
3 'polypeptide(L)'
;MFVFLVLLPLVSSQCVNLTTRTQLPPAYTNSFTRGVYYPDKVFRSSVLHSTQDLFLPFFSNVTWFHAIHVSGTNGTKRFD
NPVLPFNDGVYFASTEKSNIIRGWIFGTTLDSKTQSLLIVNNATNVVIKVCEFQFCNDPFLGVYYHKNNKSWMESEFRVY
SSANNCTFEYVSQPFLMDLEGKQGNFKNLREFVFKNIDGYFKIYSKHTPINLVRDLPQGFSALEPLVDLPIGINITRFQT
LLALHRSYLTPGDSSSGWTAGAAAYYVGYLQPRTFLLKYNENGTITDAVDCALDPLSETKCTLKSFTVEKGIYQTSNFRV
QPTESIVRFPNITNLCPFGEVFNATRFASVYAWNRKRISNCVADYSVLYNSASFSTFKCYGVSPTKLNDLCFTNVYADSF
VIRGDEVRQIAPGQTGKIADYNYKLPDDFTGCVIAWNSNNLDSKVGGNYNYLYRLFRKSNLKPFERDISTEIYQAGSTPC
NGVEGFNCYFPLQSYGFQPTNGVGYQPYRVVVLSFELLHAPATVCGPKKSTNLVKNKCVNFNFNGLTGTGVLTESNKKFL
PFQQFGRDIADTTDAVRDPQTLEILDITPCSFGGVSVITPGTNTSNQVAVLYQDVNCTEVPVAIHADQLTPTWRVYSTGS
NVFQTRAGCLIGAEHVNNSYECDIPIGAGICASYQTQTNSPGSASSVASQSIIAYTMSLGAENSCAYSNNSIAIPTNFTI
SVTTEILPVSMTKTSVDCTMYICGDSTECSNLLLQYGSFCTQLNRALTGIAVEQDKNTQEVFAQVKQIYKTPPIKDFGGF
NFSQILPDPSKPSKRSPIEDLLFNKVTLADAGFIKQYGDCLGDIAARDLICAQKFNGLTVLPPLLTDEMIAQYTSALLAG
TICSGWTFGAGPALQIPFPMQMAYRFNGIGVTQNVLYENQKLIANQFNSAIGKIQDSLSSTPSALGKLQDVVNQNAQALN
TLVKQLSSNFGAISSVLNDILSRLDPPEAEVQIDRLITGRLQSLQTYVTQQLIRAAEIRASANLAATKMSECVLGQSKRV
DFCGKGYHLMSFPQSAPHGVVFLHVTYVPAQEKNFTTAPAICHDGKAHFPREGVFVSNGTHWFVTQRNFYEPQIITTDNT
FVSGNCDVVIGIVNNTVYDPLQPELDSFKEELDKYFKNHTSPDVDLGDISGINASVVNIQKEIDRLNEVAKNLNESLIDL
QELGKYEQGSGYIPEAPRDGQAYVRKDGEWVLLSTFLGRSLEVLFQGPGSAWSHPQFEKGGGSGGGGSGGSAWSHPQFEK
;
A
#
loop_
_chem_comp.id
_chem_comp.type
_chem_comp.name
_chem_comp.formula
FUC L-saccharide, alpha linking alpha-L-fucopyranose 'C6 H12 O5'
NAG D-saccharide, beta linking 2-acetamido-2-deoxy-beta-D-glucopyranose 'C8 H15 N O6'
#
# COMPACT_ATOMS: atom_id res chain seq x y z
N GLN A 1 10.54 9.35 4.25
CA GLN A 1 11.61 10.29 3.92
C GLN A 1 12.08 10.21 2.44
N VAL A 2 11.34 9.47 1.58
CA VAL A 2 11.65 9.23 0.17
C VAL A 2 11.52 10.47 -0.67
N GLN A 3 12.54 10.68 -1.48
CA GLN A 3 12.61 11.80 -2.38
C GLN A 3 13.20 11.40 -3.70
N LEU A 4 12.61 11.88 -4.78
CA LEU A 4 13.14 11.58 -6.10
C LEU A 4 13.59 12.85 -6.80
N VAL A 5 14.83 12.86 -7.24
CA VAL A 5 15.42 14.06 -7.84
C VAL A 5 15.84 13.85 -9.28
N GLN A 6 15.36 14.69 -10.17
CA GLN A 6 15.68 14.53 -11.58
C GLN A 6 16.45 15.72 -12.17
N SER A 7 17.26 15.42 -13.20
CA SER A 7 18.01 16.45 -13.93
C SER A 7 17.21 17.16 -15.06
N GLY A 8 17.71 18.30 -15.59
CA GLY A 8 17.07 19.02 -16.72
C GLY A 8 17.55 18.52 -18.08
N ALA A 9 16.97 19.00 -19.20
CA ALA A 9 17.43 18.51 -20.51
C ALA A 9 17.08 19.38 -21.72
N GLU A 10 17.89 19.22 -22.80
CA GLU A 10 17.61 19.73 -24.14
C GLU A 10 18.34 18.91 -25.20
N VAL A 11 17.66 18.65 -26.31
CA VAL A 11 18.21 17.92 -27.44
C VAL A 11 18.12 18.78 -28.68
N LYS A 12 19.18 18.87 -29.45
CA LYS A 12 19.16 19.75 -30.61
C LYS A 12 18.67 19.13 -31.92
N LYS A 13 18.42 17.82 -31.95
CA LYS A 13 17.99 17.24 -33.21
C LYS A 13 17.30 15.88 -33.07
N PRO A 14 16.19 15.63 -33.78
CA PRO A 14 15.53 14.34 -33.85
C PRO A 14 16.52 13.34 -34.35
N GLY A 15 16.39 12.13 -33.88
CA GLY A 15 17.27 11.05 -34.20
C GLY A 15 18.30 10.90 -33.11
N SER A 16 18.40 11.91 -32.22
CA SER A 16 19.36 11.89 -31.12
C SER A 16 18.80 11.15 -29.93
N SER A 17 19.46 11.28 -28.78
CA SER A 17 19.04 10.50 -27.62
C SER A 17 19.19 11.23 -26.32
N VAL A 18 18.22 11.02 -25.47
CA VAL A 18 18.23 11.64 -24.16
C VAL A 18 18.26 10.62 -23.07
N LYS A 19 19.15 10.82 -22.13
CA LYS A 19 19.20 9.93 -21.00
C LYS A 19 18.96 10.74 -19.76
N VAL A 20 17.95 10.34 -19.03
CA VAL A 20 17.54 11.05 -17.84
C VAL A 20 17.72 10.23 -16.61
N SER A 21 18.33 10.86 -15.62
CA SER A 21 18.55 10.20 -14.36
C SER A 21 17.57 10.71 -13.31
N CYS A 22 17.26 9.80 -12.35
CA CYS A 22 16.44 9.97 -11.17
C CYS A 22 17.20 9.46 -9.94
N LYS A 23 17.60 10.35 -9.07
CA LYS A 23 18.30 9.95 -7.88
C LYS A 23 17.33 9.74 -6.76
N ALA A 24 17.42 8.61 -6.11
CA ALA A 24 16.53 8.36 -5.02
C ALA A 24 17.22 8.65 -3.72
N SER A 25 16.48 9.15 -2.78
CA SER A 25 17.00 9.31 -1.46
C SER A 25 15.98 8.90 -0.46
N GLY A 26 16.33 8.99 0.81
CA GLY A 26 15.43 8.60 1.89
C GLY A 26 15.61 7.12 2.24
N GLY A 27 16.57 6.48 1.59
CA GLY A 27 16.84 5.08 1.80
C GLY A 27 15.90 4.22 0.97
N THR A 28 15.85 2.94 1.35
CA THR A 28 15.07 1.93 0.65
C THR A 28 15.02 2.05 -0.87
N PHE A 29 16.19 2.08 -1.51
CA PHE A 29 16.25 1.98 -2.96
C PHE A 29 15.86 0.55 -3.33
N SER A 30 16.38 -0.37 -2.54
CA SER A 30 16.11 -1.77 -2.75
C SER A 30 14.68 -2.00 -2.38
N SER A 31 14.14 -3.12 -2.80
CA SER A 31 12.77 -3.47 -2.46
C SER A 31 11.76 -2.40 -2.84
N SER A 32 11.93 -1.89 -4.04
CA SER A 32 11.05 -0.89 -4.58
C SER A 32 11.04 -1.07 -6.06
N ALA A 33 10.04 -0.48 -6.68
CA ALA A 33 9.97 -0.49 -8.12
C ALA A 33 10.00 0.93 -8.60
N ILE A 34 10.67 1.14 -9.71
CA ILE A 34 10.77 2.45 -10.29
C ILE A 34 10.13 2.51 -11.65
N SER A 35 9.22 3.44 -11.81
CA SER A 35 8.52 3.60 -13.06
C SER A 35 8.82 4.92 -13.70
N TRP A 36 8.69 4.95 -15.02
CA TRP A 36 8.80 6.18 -15.77
C TRP A 36 7.47 6.46 -16.42
N VAL A 37 7.05 7.71 -16.29
CA VAL A 37 5.79 8.26 -16.80
C VAL A 37 5.98 9.51 -17.65
N ARG A 38 5.33 9.56 -18.78
CA ARG A 38 5.49 10.72 -19.65
C ARG A 38 4.24 11.57 -19.77
N GLN A 39 4.41 12.89 -19.84
CA GLN A 39 3.27 13.78 -20.10
C GLN A 39 3.50 14.75 -21.24
N ALA A 40 2.97 14.43 -22.41
CA ALA A 40 3.15 15.30 -23.56
C ALA A 40 2.32 16.54 -23.32
N PRO A 41 2.66 17.72 -23.83
CA PRO A 41 1.88 18.91 -23.65
C PRO A 41 0.48 18.68 -24.10
N GLY A 42 -0.48 19.08 -23.29
CA GLY A 42 -1.88 18.93 -23.61
C GLY A 42 -2.45 17.55 -23.34
N GLN A 43 -1.61 16.63 -22.87
CA GLN A 43 -2.06 15.27 -22.64
C GLN A 43 -2.09 14.90 -21.18
N GLY A 44 -2.58 13.70 -20.91
CA GLY A 44 -2.61 13.14 -19.58
C GLY A 44 -1.34 12.35 -19.40
N LEU A 45 -1.31 11.49 -18.42
CA LEU A 45 -0.09 10.74 -18.18
C LEU A 45 -0.14 9.38 -18.81
N GLU A 46 1.02 8.89 -19.22
CA GLU A 46 1.14 7.53 -19.71
C GLU A 46 2.37 6.87 -19.14
N TRP A 47 2.27 5.59 -18.88
CA TRP A 47 3.40 4.85 -18.34
C TRP A 47 4.26 4.34 -19.46
N MET A 48 5.56 4.49 -19.32
CA MET A 48 6.48 4.03 -20.33
C MET A 48 7.01 2.67 -20.02
N GLY A 49 7.22 2.43 -18.74
CA GLY A 49 7.80 1.18 -18.31
C GLY A 49 8.39 1.33 -16.94
N GLY A 50 9.04 0.28 -16.45
CA GLY A 50 9.66 0.34 -15.14
C GLY A 50 10.55 -0.84 -14.80
N ILE A 51 11.31 -0.68 -13.73
CA ILE A 51 12.29 -1.65 -13.29
C ILE A 51 12.31 -1.97 -11.80
N ILE A 52 12.59 -3.22 -11.47
CA ILE A 52 12.80 -3.59 -10.08
C ILE A 52 14.26 -3.97 -9.93
N PRO A 53 15.12 -3.09 -9.42
CA PRO A 53 16.57 -3.21 -9.33
C PRO A 53 17.12 -4.44 -8.63
N ILE A 54 16.37 -5.01 -7.70
CA ILE A 54 16.94 -6.16 -7.01
C ILE A 54 16.54 -7.47 -7.61
N LEU A 55 15.67 -7.43 -8.61
CA LEU A 55 15.26 -8.63 -9.27
C LEU A 55 15.92 -8.48 -10.62
N ASP A 56 16.20 -7.20 -10.91
CA ASP A 56 16.74 -6.68 -12.15
C ASP A 56 15.84 -7.05 -13.30
N ILE A 57 14.56 -6.79 -13.08
CA ILE A 57 13.53 -7.07 -14.06
C ILE A 57 12.99 -5.81 -14.66
N THR A 58 13.00 -5.74 -15.98
CA THR A 58 12.50 -4.55 -16.65
C THR A 58 11.29 -4.88 -17.50
N ASN A 59 10.26 -4.08 -17.35
CA ASN A 59 9.01 -4.24 -18.06
C ASN A 59 8.62 -2.99 -18.84
N TYR A 60 8.51 -3.11 -20.15
CA TYR A 60 8.22 -1.95 -20.99
C TYR A 60 6.79 -1.91 -21.50
N ALA A 61 6.21 -0.73 -21.53
CA ALA A 61 4.90 -0.54 -22.10
C ALA A 61 5.00 -0.88 -23.56
N GLN A 62 3.99 -1.48 -24.16
CA GLN A 62 4.13 -1.92 -25.53
C GLN A 62 4.44 -0.87 -26.57
N LYS A 63 3.89 0.33 -26.45
CA LYS A 63 4.13 1.34 -27.47
C LYS A 63 5.55 1.84 -27.45
N PHE A 64 6.27 1.56 -26.38
CA PHE A 64 7.63 2.00 -26.21
C PHE A 64 8.64 0.91 -26.37
N GLN A 65 8.23 -0.22 -26.90
CA GLN A 65 9.22 -1.23 -27.11
C GLN A 65 9.92 -0.81 -28.37
N GLY A 66 11.22 -0.62 -28.23
CA GLY A 66 12.06 -0.07 -29.27
C GLY A 66 12.29 1.36 -28.80
N ARG A 67 13.50 1.90 -28.99
CA ARG A 67 13.87 3.24 -28.54
C ARG A 67 14.11 3.34 -27.01
N VAL A 68 13.19 2.82 -26.20
CA VAL A 68 13.32 2.96 -24.76
C VAL A 68 14.10 1.88 -24.04
N THR A 69 15.03 2.34 -23.23
CA THR A 69 15.83 1.50 -22.35
C THR A 69 15.68 1.96 -20.91
N ILE A 70 15.31 1.06 -20.03
CA ILE A 70 15.19 1.41 -18.63
C ILE A 70 16.18 0.60 -17.87
N THR A 71 17.00 1.28 -17.13
CA THR A 71 17.99 0.59 -16.36
C THR A 71 18.12 1.18 -15.00
N ALA A 72 18.95 0.58 -14.17
CA ALA A 72 19.14 1.12 -12.85
C ALA A 72 20.49 0.81 -12.34
N ASP A 73 20.94 1.62 -11.41
CA ASP A 73 22.22 1.41 -10.78
C ASP A 73 22.10 1.64 -9.30
N LYS A 74 21.89 0.55 -8.62
CA LYS A 74 21.64 0.59 -7.22
C LYS A 74 22.84 1.03 -6.44
N SER A 75 24.04 0.99 -7.01
CA SER A 75 25.19 1.33 -6.20
C SER A 75 25.21 2.80 -5.87
N THR A 76 24.46 3.60 -6.65
CA THR A 76 24.37 5.03 -6.46
C THR A 76 22.93 5.43 -6.21
N SER A 77 22.09 4.43 -5.91
CA SER A 77 20.68 4.61 -5.66
C SER A 77 20.01 5.41 -6.75
N THR A 78 20.26 5.08 -7.99
CA THR A 78 19.64 5.85 -9.05
C THR A 78 19.03 4.98 -10.13
N ALA A 79 18.27 5.61 -10.99
CA ALA A 79 17.70 4.93 -12.11
C ALA A 79 17.68 5.79 -13.33
N PHE A 80 17.71 5.16 -14.47
CA PHE A 80 17.76 5.89 -15.70
C PHE A 80 16.78 5.44 -16.73
N MET A 81 16.42 6.36 -17.57
CA MET A 81 15.67 5.98 -18.73
C MET A 81 16.32 6.63 -19.91
N GLU A 82 16.45 5.90 -20.99
CA GLU A 82 16.98 6.49 -22.18
C GLU A 82 16.06 6.28 -23.35
N LEU A 83 15.80 7.36 -24.05
CA LEU A 83 14.98 7.30 -25.22
C LEU A 83 15.79 7.73 -26.43
N SER A 84 16.11 6.78 -27.28
CA SER A 84 16.93 7.05 -28.45
C SER A 84 16.09 7.35 -29.65
N SER A 85 16.71 7.82 -30.72
CA SER A 85 16.01 8.05 -31.97
C SER A 85 14.73 8.86 -31.79
N LEU A 86 14.86 9.99 -31.12
CA LEU A 86 13.76 10.90 -30.81
C LEU A 86 13.11 11.43 -32.06
N ARG A 87 11.80 11.63 -32.04
CA ARG A 87 11.06 12.11 -33.22
C ARG A 87 10.30 13.43 -33.10
N SER A 88 10.53 14.17 -32.02
CA SER A 88 9.89 15.46 -31.69
C SER A 88 8.41 15.39 -31.34
N GLU A 89 7.86 14.19 -31.27
CA GLU A 89 6.48 13.97 -30.85
C GLU A 89 6.48 13.65 -29.37
N ASP A 90 7.69 13.50 -28.88
CA ASP A 90 8.07 13.10 -27.58
C ASP A 90 8.70 14.18 -26.72
N THR A 91 8.45 15.45 -27.04
CA THR A 91 8.98 16.57 -26.28
C THR A 91 8.09 16.82 -25.07
N ALA A 92 8.07 15.84 -24.22
CA ALA A 92 7.23 15.67 -23.06
C ALA A 92 7.96 15.83 -21.75
N VAL A 93 7.19 15.91 -20.68
CA VAL A 93 7.79 15.93 -19.37
C VAL A 93 7.91 14.52 -18.85
N TYR A 94 9.11 14.15 -18.47
CA TYR A 94 9.37 12.82 -18.00
C TYR A 94 9.52 12.75 -16.50
N TYR A 95 8.70 11.94 -15.88
CA TYR A 95 8.69 11.79 -14.45
C TYR A 95 9.14 10.41 -14.05
N CYS A 96 9.84 10.31 -12.91
CA CYS A 96 10.15 9.04 -12.26
C CYS A 96 9.21 8.95 -11.08
N ALA A 97 8.84 7.73 -10.74
CA ALA A 97 8.01 7.50 -9.58
C ALA A 97 8.42 6.21 -8.92
N LEU A 98 8.29 6.16 -7.62
CA LEU A 98 8.72 4.99 -6.89
C LEU A 98 7.74 4.49 -5.90
N ARG A 99 7.65 3.17 -5.78
CA ARG A 99 6.86 2.63 -4.70
C ARG A 99 7.63 1.54 -4.01
N ASN A 100 7.62 1.56 -2.69
CA ASN A 100 8.29 0.56 -1.88
C ASN A 100 7.36 -0.54 -1.53
N GLN A 101 7.90 -1.70 -1.21
CA GLN A 101 7.01 -2.70 -0.72
C GLN A 101 6.79 -2.27 0.72
N TRP A 102 5.97 -2.98 1.45
CA TRP A 102 5.60 -2.64 2.83
C TRP A 102 4.83 -1.32 2.90
N ASP A 103 4.35 -0.85 1.76
CA ASP A 103 3.64 0.40 1.63
C ASP A 103 2.69 0.39 0.44
N LEU A 104 1.93 1.45 0.29
CA LEU A 104 1.02 1.66 -0.83
C LEU A 104 1.29 3.01 -1.48
N LEU A 105 1.95 3.87 -0.73
CA LEU A 105 2.13 5.25 -1.17
C LEU A 105 3.09 5.36 -2.36
N VAL A 106 2.76 6.19 -3.34
CA VAL A 106 3.64 6.40 -4.50
C VAL A 106 4.34 7.74 -4.45
N TYR A 107 5.65 7.73 -4.57
CA TYR A 107 6.43 8.94 -4.52
C TYR A 107 6.75 9.40 -5.92
N TRP A 108 6.70 10.70 -6.17
CA TRP A 108 7.02 11.24 -7.49
C TRP A 108 8.18 12.22 -7.46
N GLY A 109 8.95 12.25 -8.52
CA GLY A 109 10.02 13.21 -8.66
C GLY A 109 9.51 14.44 -9.37
N GLN A 110 10.41 15.31 -9.74
CA GLN A 110 10.04 16.52 -10.44
C GLN A 110 10.29 16.24 -11.87
N GLY A 111 9.23 16.17 -12.63
CA GLY A 111 9.39 15.76 -14.00
C GLY A 111 10.21 16.76 -14.75
N THR A 112 10.93 16.25 -15.72
CA THR A 112 11.80 17.10 -16.50
C THR A 112 11.39 17.16 -17.94
N LEU A 113 11.33 18.36 -18.47
CA LEU A 113 10.96 18.49 -19.86
C LEU A 113 12.10 18.23 -20.75
N VAL A 114 11.87 17.40 -21.74
CA VAL A 114 12.90 17.20 -22.71
C VAL A 114 12.41 17.82 -23.97
N THR A 115 13.06 18.85 -24.40
CA THR A 115 12.64 19.53 -25.60
C THR A 115 13.60 19.20 -26.70
N VAL A 116 13.06 18.80 -27.86
CA VAL A 116 13.85 18.37 -28.99
C VAL A 116 13.56 19.22 -30.20
N SER A 117 14.50 20.04 -30.63
CA SER A 117 14.21 20.87 -31.80
C SER A 117 15.46 21.46 -32.45
N SER A 118 15.33 21.91 -33.72
CA SER A 118 16.38 22.59 -34.49
C SER A 118 16.59 24.01 -33.92
N GLU B 1 -6.91 -4.54 -21.75
CA GLU B 1 -6.10 -4.38 -20.55
C GLU B 1 -6.94 -3.60 -19.49
N ILE B 2 -6.26 -2.97 -18.51
CA ILE B 2 -6.94 -2.16 -17.49
C ILE B 2 -6.95 -0.75 -17.97
N VAL B 3 -8.13 -0.34 -18.26
CA VAL B 3 -8.41 0.94 -18.79
C VAL B 3 -9.30 1.61 -17.84
N LEU B 4 -8.92 2.79 -17.43
CA LEU B 4 -9.76 3.50 -16.53
C LEU B 4 -10.41 4.55 -17.36
N THR B 5 -11.68 4.80 -17.12
CA THR B 5 -12.40 5.85 -17.77
C THR B 5 -12.99 6.77 -16.77
N GLN B 6 -12.81 8.06 -16.96
CA GLN B 6 -13.45 8.96 -16.01
C GLN B 6 -14.66 9.63 -16.56
N SER B 7 -15.52 10.01 -15.63
CA SER B 7 -16.76 10.68 -15.96
C SER B 7 -17.22 11.62 -14.86
N PRO B 8 -17.74 12.77 -15.22
CA PRO B 8 -17.89 13.38 -16.52
C PRO B 8 -16.54 13.89 -16.96
N GLY B 9 -16.32 14.11 -18.25
CA GLY B 9 -15.06 14.70 -18.66
C GLY B 9 -14.85 16.08 -18.05
N THR B 10 -15.92 16.84 -17.93
CA THR B 10 -15.83 18.16 -17.33
C THR B 10 -16.96 18.39 -16.35
N LEU B 11 -16.72 19.27 -15.42
CA LEU B 11 -17.71 19.69 -14.44
C LEU B 11 -17.83 21.19 -14.45
N SER B 12 -19.00 21.71 -14.10
CA SER B 12 -19.16 23.15 -13.93
C SER B 12 -19.83 23.37 -12.61
N LEU B 13 -19.07 23.84 -11.66
CA LEU B 13 -19.50 23.90 -10.28
C LEU B 13 -19.35 25.22 -9.58
N SER B 14 -20.19 25.43 -8.57
CA SER B 14 -20.08 26.60 -7.73
C SER B 14 -19.01 26.35 -6.70
N PRO B 15 -18.21 27.33 -6.31
CA PRO B 15 -17.29 27.12 -5.24
C PRO B 15 -18.21 27.00 -4.08
N GLY B 16 -17.90 26.16 -3.14
CA GLY B 16 -18.71 26.03 -1.95
C GLY B 16 -19.69 24.86 -1.99
N GLU B 17 -19.91 24.23 -3.15
CA GLU B 17 -20.84 23.10 -3.12
C GLU B 17 -20.08 21.78 -3.12
N ARG B 18 -20.81 20.67 -3.07
CA ARG B 18 -20.18 19.35 -3.08
C ARG B 18 -20.19 18.76 -4.46
N ALA B 19 -19.14 18.02 -4.80
CA ALA B 19 -19.12 17.32 -6.09
C ALA B 19 -18.31 16.05 -6.04
N THR B 20 -18.61 15.14 -6.96
CA THR B 20 -17.87 13.90 -7.04
C THR B 20 -17.36 13.60 -8.43
N LEU B 21 -16.31 12.79 -8.49
CA LEU B 21 -15.76 12.28 -9.74
C LEU B 21 -15.86 10.78 -9.80
N SER B 22 -16.24 10.25 -10.95
CA SER B 22 -16.32 8.81 -11.10
C SER B 22 -15.16 8.26 -11.94
N CYS B 23 -14.65 7.07 -11.56
CA CYS B 23 -13.61 6.32 -12.27
C CYS B 23 -14.09 4.88 -12.45
N ARG B 24 -14.08 4.42 -13.68
CA ARG B 24 -14.57 3.09 -13.97
C ARG B 24 -13.53 2.27 -14.69
N ALA B 25 -13.22 1.12 -14.13
CA ALA B 25 -12.25 0.21 -14.72
C ALA B 25 -12.92 -0.73 -15.70
N SER B 26 -12.17 -1.16 -16.70
CA SER B 26 -12.63 -2.16 -17.65
C SER B 26 -12.83 -3.53 -17.04
N GLN B 27 -12.01 -3.85 -16.06
CA GLN B 27 -12.01 -5.11 -15.34
C GLN B 27 -11.81 -4.76 -13.90
N SER B 28 -12.23 -5.61 -12.98
CA SER B 28 -12.04 -5.25 -11.59
C SER B 28 -10.61 -5.23 -11.20
N VAL B 29 -10.32 -4.41 -10.21
CA VAL B 29 -9.00 -4.28 -9.64
C VAL B 29 -9.05 -4.30 -8.14
N SER B 30 -7.93 -4.58 -7.49
CA SER B 30 -7.90 -4.42 -6.06
C SER B 30 -7.95 -2.96 -5.74
N SER B 31 -8.66 -2.61 -4.70
CA SER B 31 -8.77 -1.24 -4.27
C SER B 31 -7.46 -0.73 -3.71
N SER B 32 -6.59 -1.63 -3.35
CA SER B 32 -5.32 -1.26 -2.75
C SER B 32 -4.41 -0.57 -3.73
N TYR B 33 -4.70 -0.64 -5.01
CA TYR B 33 -3.83 0.00 -5.98
C TYR B 33 -4.44 1.16 -6.67
N LEU B 34 -5.51 1.74 -6.13
CA LEU B 34 -6.05 2.90 -6.81
C LEU B 34 -5.60 4.22 -6.17
N ALA B 35 -5.32 5.23 -6.97
CA ALA B 35 -5.00 6.53 -6.43
C ALA B 35 -5.61 7.66 -7.22
N TRP B 36 -5.83 8.77 -6.53
CA TRP B 36 -6.30 9.98 -7.18
C TRP B 36 -5.26 11.06 -7.06
N TYR B 37 -5.10 11.82 -8.12
CA TYR B 37 -4.16 12.92 -8.25
C TYR B 37 -4.77 14.18 -8.79
N GLN B 38 -4.13 15.32 -8.51
CA GLN B 38 -4.57 16.53 -9.16
C GLN B 38 -3.42 17.36 -9.69
N GLN B 39 -3.71 18.14 -10.72
CA GLN B 39 -2.74 19.08 -11.24
C GLN B 39 -3.27 20.48 -11.46
N LYS B 40 -2.38 21.41 -11.23
CA LYS B 40 -2.60 22.78 -11.57
C LYS B 40 -1.69 22.93 -12.78
N PRO B 41 -1.94 23.85 -13.70
CA PRO B 41 -1.14 24.01 -14.87
C PRO B 41 0.31 24.21 -14.50
N GLY B 42 1.18 23.49 -15.18
CA GLY B 42 2.62 23.62 -14.96
C GLY B 42 3.16 22.86 -13.76
N GLN B 43 2.31 22.10 -13.07
CA GLN B 43 2.78 21.40 -11.89
C GLN B 43 2.78 19.89 -12.00
N ALA B 44 3.65 19.26 -11.21
CA ALA B 44 3.71 17.81 -11.12
C ALA B 44 2.43 17.33 -10.43
N PRO B 45 1.95 16.13 -10.69
CA PRO B 45 0.80 15.56 -10.03
C PRO B 45 0.93 15.53 -8.52
N ARG B 46 -0.13 15.89 -7.83
CA ARG B 46 -0.16 15.87 -6.39
C ARG B 46 -1.02 14.72 -5.95
N LEU B 47 -0.51 13.85 -5.10
CA LEU B 47 -1.29 12.73 -4.65
C LEU B 47 -2.33 13.13 -3.62
N LEU B 48 -3.56 12.69 -3.82
CA LEU B 48 -4.61 12.98 -2.88
C LEU B 48 -5.01 11.77 -2.07
N ILE B 49 -5.30 10.69 -2.79
CA ILE B 49 -5.82 9.47 -2.20
C ILE B 49 -5.01 8.28 -2.64
N TYR B 50 -4.73 7.35 -1.73
CA TYR B 50 -4.02 6.14 -2.13
C TYR B 50 -4.66 4.91 -1.52
N GLY B 51 -4.50 3.76 -2.17
CA GLY B 51 -5.10 2.56 -1.60
C GLY B 51 -6.62 2.64 -1.75
N ALA B 52 -7.06 3.49 -2.70
CA ALA B 52 -8.41 3.87 -3.01
C ALA B 52 -9.11 4.60 -1.89
N SER B 53 -8.45 4.95 -0.79
CA SER B 53 -9.18 5.67 0.24
C SER B 53 -8.35 6.42 1.25
N SER B 54 -7.11 6.02 1.47
CA SER B 54 -6.36 6.70 2.50
C SER B 54 -6.04 8.09 2.04
N ARG B 55 -6.13 9.05 2.92
CA ARG B 55 -5.81 10.39 2.54
C ARG B 55 -4.32 10.63 2.64
N ALA B 56 -3.74 11.24 1.63
CA ALA B 56 -2.33 11.55 1.61
C ALA B 56 -2.04 12.65 2.62
N THR B 57 -0.85 12.59 3.18
CA THR B 57 -0.43 13.58 4.14
C THR B 57 -0.43 14.97 3.53
N GLY B 58 -1.03 15.92 4.25
CA GLY B 58 -1.09 17.30 3.79
C GLY B 58 -2.38 17.64 3.04
N ILE B 59 -3.21 16.65 2.81
CA ILE B 59 -4.46 16.86 2.11
C ILE B 59 -5.55 17.13 3.13
N PRO B 60 -6.34 18.19 2.99
CA PRO B 60 -7.39 18.57 3.90
C PRO B 60 -8.54 17.61 3.84
N ASP B 61 -9.28 17.52 4.93
CA ASP B 61 -10.40 16.60 4.95
C ASP B 61 -11.64 17.17 4.31
N ARG B 62 -11.53 17.28 3.01
CA ARG B 62 -12.58 17.69 2.14
C ARG B 62 -12.61 16.59 1.16
N PHE B 63 -11.46 15.93 1.06
CA PHE B 63 -11.23 14.88 0.08
C PHE B 63 -11.45 13.51 0.68
N SER B 64 -12.35 12.76 0.08
CA SER B 64 -12.64 11.41 0.54
C SER B 64 -12.82 10.41 -0.59
N GLY B 65 -12.01 9.36 -0.58
CA GLY B 65 -12.09 8.37 -1.64
C GLY B 65 -12.78 7.10 -1.17
N SER B 66 -13.38 6.39 -2.10
CA SER B 66 -14.03 5.12 -1.81
C SER B 66 -14.23 4.28 -3.06
N GLY B 67 -14.59 3.01 -2.89
CA GLY B 67 -14.92 2.19 -4.05
C GLY B 67 -14.36 0.77 -4.02
N SER B 68 -14.82 -0.03 -4.96
CA SER B 68 -14.40 -1.42 -5.08
C SER B 68 -14.68 -1.98 -6.46
N GLY B 69 -14.07 -3.13 -6.76
CA GLY B 69 -14.40 -3.76 -8.03
C GLY B 69 -13.92 -2.89 -9.16
N THR B 70 -14.87 -2.40 -9.95
CA THR B 70 -14.57 -1.54 -11.07
C THR B 70 -14.98 -0.11 -10.80
N ASP B 71 -15.76 0.12 -9.74
CA ASP B 71 -16.37 1.42 -9.52
C ASP B 71 -15.83 2.20 -8.35
N PHE B 72 -15.11 3.28 -8.66
CA PHE B 72 -14.46 4.07 -7.65
C PHE B 72 -14.83 5.54 -7.75
N THR B 73 -14.75 6.22 -6.62
CA THR B 73 -15.07 7.64 -6.61
C THR B 73 -14.27 8.51 -5.67
N LEU B 74 -14.18 9.78 -6.04
CA LEU B 74 -13.59 10.81 -5.19
C LEU B 74 -14.59 11.90 -4.91
N THR B 75 -14.80 12.19 -3.64
CA THR B 75 -15.71 13.23 -3.25
C THR B 75 -14.99 14.42 -2.65
N ILE B 76 -15.36 15.61 -3.10
CA ILE B 76 -14.84 16.82 -2.52
C ILE B 76 -16.02 17.51 -1.84
N SER B 77 -15.95 17.66 -0.53
CA SER B 77 -17.08 18.18 0.24
C SER B 77 -17.49 19.63 0.04
N ARG B 78 -16.56 20.53 -0.28
CA ARG B 78 -16.94 21.95 -0.44
C ARG B 78 -16.45 22.67 -1.68
N LEU B 79 -15.57 22.09 -2.47
CA LEU B 79 -15.05 22.81 -3.62
C LEU B 79 -14.56 24.20 -3.30
N GLU B 80 -13.52 24.28 -2.53
CA GLU B 80 -12.99 25.57 -2.16
C GLU B 80 -12.33 26.14 -3.41
N PRO B 81 -12.10 27.44 -3.54
CA PRO B 81 -11.48 28.03 -4.70
C PRO B 81 -10.18 27.36 -5.11
N GLU B 82 -9.44 26.80 -4.15
CA GLU B 82 -8.19 26.14 -4.45
C GLU B 82 -8.33 24.75 -5.04
N ASP B 83 -9.55 24.20 -5.07
CA ASP B 83 -9.82 22.84 -5.51
C ASP B 83 -10.17 22.74 -6.99
N PHE B 84 -10.10 23.82 -7.72
CA PHE B 84 -10.44 23.75 -9.13
C PHE B 84 -9.18 23.41 -9.90
N ALA B 85 -9.18 22.18 -10.44
CA ALA B 85 -8.01 21.54 -11.02
C ALA B 85 -8.36 20.39 -11.93
N VAL B 86 -7.37 19.87 -12.63
CA VAL B 86 -7.58 18.64 -13.37
C VAL B 86 -7.30 17.49 -12.45
N TYR B 87 -8.21 16.56 -12.41
CA TYR B 87 -8.09 15.40 -11.56
C TYR B 87 -8.07 14.11 -12.31
N TYR B 88 -7.39 13.12 -11.78
CA TYR B 88 -7.44 11.82 -12.41
C TYR B 88 -7.12 10.64 -11.50
N CYS B 89 -7.59 9.44 -11.91
CA CYS B 89 -7.39 8.17 -11.23
C CYS B 89 -6.30 7.35 -11.89
N GLN B 90 -5.59 6.63 -11.05
CA GLN B 90 -4.51 5.75 -11.46
C GLN B 90 -4.57 4.40 -10.84
N HIS B 91 -4.32 3.39 -11.63
CA HIS B 91 -4.16 2.06 -11.09
C HIS B 91 -2.69 1.79 -11.14
N TYR B 92 -2.13 1.39 -10.01
CA TYR B 92 -0.69 1.19 -9.90
C TYR B 92 -0.28 -0.20 -9.46
N GLY B 93 -0.85 -1.21 -10.09
CA GLY B 93 -0.52 -2.56 -9.74
C GLY B 93 0.89 -2.78 -10.25
N SER B 94 1.51 -3.88 -9.91
CA SER B 94 2.92 -4.04 -10.29
C SER B 94 3.23 -4.30 -11.75
N SER B 95 2.30 -4.84 -12.52
CA SER B 95 2.63 -5.14 -13.90
C SER B 95 2.35 -4.04 -14.89
N LEU B 96 1.43 -3.15 -14.58
CA LEU B 96 1.04 -2.13 -15.53
C LEU B 96 0.31 -0.98 -14.91
N TRP B 97 0.78 0.22 -15.16
CA TRP B 97 0.12 1.39 -14.68
C TRP B 97 -0.79 1.94 -15.75
N THR B 98 -1.92 2.50 -15.33
CA THR B 98 -2.87 3.12 -16.25
C THR B 98 -3.46 4.39 -15.62
N PHE B 99 -3.60 5.49 -16.40
CA PHE B 99 -4.02 6.76 -15.78
C PHE B 99 -5.41 7.41 -15.98
N GLY B 100 -6.33 6.84 -16.72
CA GLY B 100 -7.68 7.43 -16.73
C GLY B 100 -7.97 8.79 -17.41
N GLN B 101 -7.25 9.19 -18.44
CA GLN B 101 -7.54 10.49 -19.07
C GLN B 101 -7.43 11.61 -18.02
N GLY B 102 -8.57 12.04 -17.50
CA GLY B 102 -8.67 13.11 -16.51
C GLY B 102 -9.93 13.90 -16.68
N THR B 103 -10.34 14.59 -15.62
CA THR B 103 -11.52 15.41 -15.68
C THR B 103 -11.15 16.81 -15.28
N LYS B 104 -11.77 17.77 -15.91
CA LYS B 104 -11.49 19.13 -15.56
C LYS B 104 -12.60 19.68 -14.72
N LEU B 105 -12.28 20.08 -13.52
CA LEU B 105 -13.32 20.58 -12.67
C LEU B 105 -13.25 22.09 -12.76
N GLU B 106 -14.23 22.66 -13.46
CA GLU B 106 -14.27 24.09 -13.71
C GLU B 106 -15.18 24.78 -12.75
N ILE B 107 -14.94 26.06 -12.61
CA ILE B 107 -15.77 26.89 -11.80
C ILE B 107 -16.52 27.77 -12.77
N LYS B 108 -17.86 27.89 -12.63
CA LYS B 108 -18.68 28.78 -13.51
C LYS B 108 -20.15 28.70 -13.12
N ILE C 326 27.36 -21.51 -1.28
CA ILE C 326 27.03 -20.33 -2.07
C ILE C 326 25.59 -19.94 -1.72
N VAL C 327 25.01 -19.01 -2.52
CA VAL C 327 23.67 -18.54 -2.45
C VAL C 327 22.93 -19.16 -3.63
N ARG C 328 21.99 -20.04 -3.38
CA ARG C 328 21.27 -20.62 -4.49
C ARG C 328 19.79 -20.72 -4.16
N PHE C 329 19.10 -19.63 -4.37
CA PHE C 329 17.69 -19.49 -4.06
C PHE C 329 16.83 -19.61 -5.32
N PRO C 330 15.55 -19.92 -5.20
CA PRO C 330 14.58 -19.98 -6.27
C PRO C 330 14.53 -18.70 -7.11
N ASN C 331 14.23 -18.90 -8.40
CA ASN C 331 14.19 -17.89 -9.47
C ASN C 331 12.84 -17.14 -9.43
N ILE C 332 12.72 -16.25 -8.42
CA ILE C 332 11.55 -15.43 -8.11
C ILE C 332 11.60 -14.11 -8.84
N THR C 333 10.47 -13.72 -9.43
CA THR C 333 10.36 -12.52 -10.24
C THR C 333 9.42 -11.45 -9.71
N ASN C 334 9.12 -11.49 -8.42
CA ASN C 334 8.18 -10.55 -7.82
C ASN C 334 8.57 -10.02 -6.47
N LEU C 335 8.05 -8.85 -6.11
CA LEU C 335 8.23 -8.35 -4.76
C LEU C 335 6.93 -8.67 -4.04
N CYS C 336 7.02 -9.02 -2.74
CA CYS C 336 5.89 -9.41 -1.91
C CYS C 336 4.92 -8.26 -1.61
N PRO C 337 3.60 -8.48 -1.78
CA PRO C 337 2.52 -7.54 -1.59
C PRO C 337 2.17 -7.32 -0.14
N PHE C 338 3.09 -6.76 0.60
CA PHE C 338 2.85 -6.51 2.01
C PHE C 338 2.20 -5.18 2.32
N GLY C 339 2.15 -4.28 1.36
CA GLY C 339 1.57 -2.97 1.64
C GLY C 339 0.13 -3.12 2.06
N GLU C 340 -0.52 -4.09 1.47
CA GLU C 340 -1.90 -4.41 1.70
C GLU C 340 -2.17 -4.92 3.10
N VAL C 341 -1.13 -5.42 3.75
CA VAL C 341 -1.22 -6.00 5.05
C VAL C 341 -0.96 -4.96 6.11
N PHE C 342 0.09 -4.20 5.92
CA PHE C 342 0.50 -3.24 6.92
C PHE C 342 -0.07 -1.82 6.83
N ASN C 343 -0.32 -1.30 5.59
CA ASN C 343 -0.71 0.09 5.32
C ASN C 343 -2.19 0.25 4.88
N ALA C 344 -3.06 -0.71 5.23
CA ALA C 344 -4.51 -0.71 4.97
C ALA C 344 -5.20 0.36 5.79
N THR C 345 -6.30 0.91 5.28
CA THR C 345 -7.03 1.87 6.08
C THR C 345 -7.91 1.23 7.10
N ARG C 346 -8.31 0.00 6.85
CA ARG C 346 -9.16 -0.68 7.79
C ARG C 346 -8.62 -2.03 8.15
N PHE C 347 -8.64 -2.27 9.45
CA PHE C 347 -8.25 -3.51 10.07
C PHE C 347 -9.42 -4.24 10.63
N ALA C 348 -9.30 -5.54 10.65
CA ALA C 348 -10.30 -6.41 11.20
C ALA C 348 -10.36 -6.31 12.69
N SER C 349 -11.52 -6.64 13.22
CA SER C 349 -11.71 -6.73 14.65
C SER C 349 -11.00 -7.96 15.16
N VAL C 350 -10.72 -8.01 16.43
CA VAL C 350 -9.98 -9.13 16.95
C VAL C 350 -10.67 -10.46 16.85
N TYR C 351 -11.99 -10.52 16.91
CA TYR C 351 -12.67 -11.81 16.87
C TYR C 351 -12.85 -12.30 15.46
N ALA C 352 -12.51 -11.47 14.51
CA ALA C 352 -12.70 -11.79 13.14
C ALA C 352 -11.49 -11.34 12.40
N TRP C 353 -10.35 -11.82 12.85
CA TRP C 353 -9.07 -11.41 12.35
C TRP C 353 -8.89 -11.83 10.90
N ASN C 354 -8.15 -11.02 10.15
CA ASN C 354 -7.95 -11.24 8.73
C ASN C 354 -6.67 -11.90 8.29
N ARG C 355 -6.75 -13.11 7.78
CA ARG C 355 -5.57 -13.85 7.33
C ARG C 355 -5.32 -13.75 5.83
N LYS C 356 -4.09 -13.43 5.46
CA LYS C 356 -3.69 -13.39 4.06
C LYS C 356 -2.46 -14.23 3.79
N ARG C 357 -2.42 -14.91 2.65
CA ARG C 357 -1.23 -15.68 2.31
C ARG C 357 -0.30 -14.96 1.34
N ILE C 358 0.98 -15.06 1.63
CA ILE C 358 2.08 -14.53 0.84
C ILE C 358 2.88 -15.72 0.26
N SER C 359 3.11 -15.68 -1.05
CA SER C 359 3.84 -16.74 -1.74
C SER C 359 4.50 -16.28 -3.04
N ASN C 360 5.58 -16.96 -3.44
CA ASN C 360 6.27 -16.71 -4.74
C ASN C 360 6.69 -15.27 -4.96
N CYS C 361 7.47 -14.74 -4.01
CA CYS C 361 7.90 -13.35 -4.00
C CYS C 361 9.17 -13.14 -3.15
N VAL C 362 9.73 -11.94 -3.27
CA VAL C 362 10.88 -11.52 -2.51
C VAL C 362 10.57 -10.42 -1.53
N ALA C 363 11.12 -10.53 -0.34
CA ALA C 363 10.92 -9.47 0.62
C ALA C 363 12.15 -9.18 1.42
N ASP C 364 12.39 -7.91 1.64
CA ASP C 364 13.50 -7.48 2.47
C ASP C 364 12.99 -7.12 3.82
N TYR C 365 13.28 -7.97 4.78
CA TYR C 365 12.71 -7.83 6.09
C TYR C 365 13.48 -6.84 6.92
N SER C 366 14.64 -6.44 6.45
CA SER C 366 15.52 -5.54 7.17
C SER C 366 14.86 -4.22 7.29
N VAL C 367 14.21 -3.80 6.23
CA VAL C 367 13.59 -2.51 6.19
C VAL C 367 12.47 -2.40 7.18
N LEU C 368 11.59 -3.39 7.19
CA LEU C 368 10.49 -3.27 8.09
C LEU C 368 11.00 -3.34 9.49
N TYR C 369 11.87 -4.30 9.76
CA TYR C 369 12.40 -4.45 11.09
C TYR C 369 13.09 -3.22 11.60
N ASN C 370 13.92 -2.60 10.78
CA ASN C 370 14.66 -1.43 11.19
C ASN C 370 13.78 -0.21 11.43
N SER C 371 12.62 -0.13 10.80
CA SER C 371 11.78 1.03 11.06
C SER C 371 11.47 1.12 12.53
N ALA C 372 11.50 2.34 13.04
CA ALA C 372 11.28 2.61 14.45
C ALA C 372 9.83 2.72 14.82
N SER C 373 8.94 2.57 13.85
CA SER C 373 7.53 2.73 14.14
C SER C 373 6.89 1.64 14.99
N PHE C 374 7.50 0.48 15.13
CA PHE C 374 6.83 -0.56 15.88
C PHE C 374 7.12 -0.48 17.34
N SER C 375 6.10 -0.69 18.16
CA SER C 375 6.32 -0.69 19.58
C SER C 375 6.69 -2.09 20.00
N THR C 376 6.19 -3.06 19.24
CA THR C 376 6.43 -4.47 19.49
C THR C 376 6.95 -5.15 18.26
N PHE C 377 8.03 -5.87 18.43
CA PHE C 377 8.54 -6.68 17.35
C PHE C 377 9.22 -7.85 18.01
N LYS C 378 8.49 -8.93 18.14
CA LYS C 378 9.03 -10.09 18.84
C LYS C 378 8.90 -11.31 17.96
N CYS C 379 10.01 -12.05 17.77
CA CYS C 379 10.06 -13.25 16.94
C CYS C 379 10.21 -14.50 17.76
N TYR C 380 9.59 -15.54 17.25
CA TYR C 380 9.61 -16.84 17.82
C TYR C 380 10.19 -17.85 16.85
N GLY C 381 11.34 -18.41 17.21
CA GLY C 381 12.01 -19.41 16.39
C GLY C 381 13.01 -18.84 15.38
N VAL C 382 12.93 -17.56 15.16
CA VAL C 382 13.79 -16.88 14.21
C VAL C 382 14.31 -15.63 14.89
N SER C 383 15.34 -15.05 14.32
CA SER C 383 15.78 -13.76 14.80
C SER C 383 15.55 -12.81 13.65
N PRO C 384 15.11 -11.57 13.87
CA PRO C 384 14.87 -10.60 12.84
C PRO C 384 16.03 -10.38 11.90
N THR C 385 17.24 -10.50 12.43
CA THR C 385 18.41 -10.24 11.65
C THR C 385 18.82 -11.35 10.73
N LYS C 386 18.21 -12.50 10.90
CA LYS C 386 18.51 -13.64 10.08
C LYS C 386 17.41 -13.84 9.04
N LEU C 387 16.38 -13.00 9.05
CA LEU C 387 15.27 -13.26 8.14
C LEU C 387 15.63 -13.20 6.69
N ASN C 388 16.56 -12.34 6.31
CA ASN C 388 16.88 -12.24 4.90
C ASN C 388 17.63 -13.44 4.36
N ASP C 389 18.16 -14.31 5.20
CA ASP C 389 18.93 -15.42 4.71
C ASP C 389 18.04 -16.65 4.54
N LEU C 390 16.77 -16.49 4.85
CA LEU C 390 15.83 -17.58 4.82
C LEU C 390 14.91 -17.52 3.60
N CYS C 391 14.24 -18.66 3.32
CA CYS C 391 13.18 -18.74 2.33
C CYS C 391 12.13 -19.69 2.91
N PHE C 392 10.87 -19.28 2.84
CA PHE C 392 9.76 -19.96 3.49
C PHE C 392 8.82 -20.68 2.57
N THR C 393 8.20 -21.71 3.11
CA THR C 393 7.21 -22.48 2.41
C THR C 393 6.02 -21.60 2.13
N ASN C 394 5.58 -20.93 3.18
CA ASN C 394 4.48 -20.00 3.14
C ASN C 394 4.59 -18.97 4.22
N VAL C 395 4.02 -17.82 3.97
CA VAL C 395 3.92 -16.84 5.03
C VAL C 395 2.48 -16.40 5.18
N TYR C 396 1.97 -16.42 6.40
CA TYR C 396 0.60 -15.97 6.59
C TYR C 396 0.55 -14.76 7.47
N ALA C 397 -0.15 -13.76 7.02
CA ALA C 397 -0.26 -12.54 7.79
C ALA C 397 -1.62 -12.35 8.40
N ASP C 398 -1.68 -12.37 9.72
CA ASP C 398 -2.95 -12.21 10.42
C ASP C 398 -3.07 -10.82 11.00
N SER C 399 -4.01 -10.01 10.51
CA SER C 399 -4.11 -8.66 11.06
C SER C 399 -5.41 -8.34 11.79
N PHE C 400 -5.27 -7.54 12.85
CA PHE C 400 -6.41 -7.09 13.66
C PHE C 400 -6.15 -5.91 14.63
N VAL C 401 -7.23 -5.35 15.20
CA VAL C 401 -7.12 -4.30 16.24
C VAL C 401 -7.54 -4.71 17.66
N ILE C 402 -6.64 -4.41 18.61
CA ILE C 402 -6.80 -4.65 20.06
C ILE C 402 -6.45 -3.41 20.90
N ARG C 403 -6.72 -3.40 22.21
CA ARG C 403 -6.25 -2.27 23.04
C ARG C 403 -4.78 -2.43 23.37
N GLY C 404 -4.12 -1.34 23.74
CA GLY C 404 -2.72 -1.43 24.15
C GLY C 404 -2.45 -2.39 25.31
N ASP C 405 -3.34 -2.47 26.27
CA ASP C 405 -3.11 -3.37 27.40
C ASP C 405 -3.31 -4.83 27.05
N GLU C 406 -3.86 -5.09 25.88
CA GLU C 406 -4.15 -6.43 25.42
C GLU C 406 -3.02 -6.98 24.59
N VAL C 407 -2.00 -6.17 24.35
CA VAL C 407 -0.87 -6.60 23.53
C VAL C 407 -0.21 -7.78 24.19
N ARG C 408 -0.16 -7.76 25.50
CA ARG C 408 0.41 -8.83 26.29
C ARG C 408 -0.12 -10.20 25.91
N GLN C 409 -1.39 -10.29 25.53
CA GLN C 409 -1.98 -11.57 25.25
C GLN C 409 -1.63 -12.14 23.90
N ILE C 410 -1.10 -11.36 22.97
CA ILE C 410 -0.88 -11.97 21.67
C ILE C 410 0.50 -12.59 21.65
N ALA C 411 0.59 -13.76 22.22
CA ALA C 411 1.83 -14.49 22.35
C ALA C 411 1.52 -15.95 22.68
N PRO C 412 2.40 -16.88 22.33
CA PRO C 412 2.27 -18.27 22.67
C PRO C 412 2.37 -18.34 24.16
N GLY C 413 1.62 -19.24 24.78
CA GLY C 413 1.65 -19.41 26.21
C GLY C 413 0.74 -18.46 26.98
N GLN C 414 0.04 -17.55 26.30
CA GLN C 414 -0.79 -16.63 27.04
C GLN C 414 -2.24 -17.02 27.11
N THR C 415 -2.89 -16.48 28.14
CA THR C 415 -4.31 -16.65 28.43
C THR C 415 -4.96 -15.28 28.65
N GLY C 416 -6.28 -15.23 28.61
CA GLY C 416 -7.00 -13.97 28.80
C GLY C 416 -8.16 -13.92 27.82
N LYS C 417 -9.01 -12.90 27.90
CA LYS C 417 -10.15 -12.94 26.99
C LYS C 417 -9.77 -12.98 25.51
N ILE C 418 -8.68 -12.35 25.10
CA ILE C 418 -8.34 -12.46 23.70
C ILE C 418 -7.62 -13.73 23.42
N ALA C 419 -6.63 -14.06 24.22
CA ALA C 419 -5.90 -15.27 23.97
C ALA C 419 -6.84 -16.48 23.97
N ASP C 420 -7.87 -16.46 24.82
CA ASP C 420 -8.80 -17.55 24.91
C ASP C 420 -10.06 -17.44 24.05
N TYR C 421 -10.60 -16.24 23.82
CA TYR C 421 -11.85 -16.16 23.07
C TYR C 421 -11.78 -15.50 21.70
N ASN C 422 -10.69 -14.81 21.37
CA ASN C 422 -10.67 -14.09 20.11
C ASN C 422 -9.56 -14.50 19.16
N TYR C 423 -8.35 -14.69 19.69
CA TYR C 423 -7.20 -15.00 18.84
C TYR C 423 -6.16 -15.81 19.58
N LYS C 424 -6.18 -17.08 19.30
CA LYS C 424 -5.29 -18.01 19.97
C LYS C 424 -4.13 -18.42 19.11
N LEU C 425 -2.94 -18.29 19.64
CA LEU C 425 -1.73 -18.77 18.99
C LEU C 425 -1.44 -20.12 19.57
N PRO C 426 -0.83 -21.02 18.84
CA PRO C 426 -0.38 -22.30 19.29
C PRO C 426 0.73 -21.94 20.19
N ASP C 427 1.10 -22.82 21.10
CA ASP C 427 2.18 -22.45 21.98
C ASP C 427 3.49 -22.74 21.30
N ASP C 428 3.47 -23.73 20.41
CA ASP C 428 4.64 -24.05 19.62
C ASP C 428 4.49 -23.20 18.37
N PHE C 429 5.12 -22.03 18.37
CA PHE C 429 4.88 -21.08 17.29
C PHE C 429 6.12 -20.55 16.62
N THR C 430 6.11 -20.54 15.30
CA THR C 430 7.20 -19.95 14.54
C THR C 430 6.65 -18.82 13.70
N GLY C 431 7.27 -17.66 13.85
CA GLY C 431 6.83 -16.46 13.17
C GLY C 431 7.18 -15.24 14.00
N CYS C 432 6.67 -14.05 13.60
CA CYS C 432 6.93 -12.77 14.30
C CYS C 432 5.64 -11.99 14.56
N VAL C 433 5.56 -11.40 15.74
CA VAL C 433 4.42 -10.56 16.11
C VAL C 433 4.84 -9.11 16.09
N ILE C 434 4.16 -8.34 15.26
CA ILE C 434 4.47 -6.96 15.03
C ILE C 434 3.32 -6.04 15.42
N ALA C 435 3.55 -5.01 16.21
CA ALA C 435 2.42 -4.15 16.53
C ALA C 435 2.79 -2.69 16.71
N TRP C 436 1.82 -1.82 16.44
CA TRP C 436 2.02 -0.40 16.60
C TRP C 436 0.76 0.35 16.99
N ASN C 437 0.94 1.51 17.62
CA ASN C 437 -0.16 2.36 18.05
C ASN C 437 -0.87 2.97 16.87
N SER C 438 -2.19 2.87 16.83
CA SER C 438 -2.95 3.40 15.71
C SER C 438 -3.97 4.43 16.15
N ASN C 439 -3.74 5.09 17.28
CA ASN C 439 -4.69 6.07 17.79
C ASN C 439 -5.07 7.12 16.76
N ASN C 440 -4.11 7.51 15.94
CA ASN C 440 -4.31 8.53 14.94
C ASN C 440 -5.22 8.10 13.79
N LEU C 441 -5.38 6.81 13.59
CA LEU C 441 -6.21 6.32 12.50
C LEU C 441 -7.51 5.73 12.97
N ASP C 442 -7.46 5.01 14.08
CA ASP C 442 -8.62 4.28 14.58
C ASP C 442 -9.46 4.97 15.64
N SER C 443 -8.92 5.90 16.43
CA SER C 443 -9.78 6.49 17.42
C SER C 443 -10.63 7.53 16.76
N LYS C 444 -11.86 7.64 17.19
CA LYS C 444 -12.77 8.64 16.64
C LYS C 444 -13.20 9.52 17.77
N VAL C 445 -13.60 10.73 17.47
CA VAL C 445 -13.94 11.65 18.54
C VAL C 445 -15.03 11.15 19.45
N GLY C 446 -16.05 10.53 18.88
CA GLY C 446 -17.15 10.01 19.67
C GLY C 446 -16.99 8.54 20.08
N GLY C 447 -15.87 7.93 19.72
CA GLY C 447 -15.60 6.54 19.99
C GLY C 447 -15.78 5.66 18.75
N ASN C 448 -14.76 4.91 18.41
CA ASN C 448 -14.88 4.07 17.23
C ASN C 448 -15.46 2.74 17.59
N TYR C 449 -16.76 2.67 17.51
CA TYR C 449 -17.42 1.48 17.98
C TYR C 449 -17.54 0.42 16.94
N ASN C 450 -16.79 0.53 15.86
CA ASN C 450 -16.80 -0.49 14.86
C ASN C 450 -15.86 -1.63 15.25
N TYR C 451 -15.09 -1.43 16.32
CA TYR C 451 -14.20 -2.49 16.76
C TYR C 451 -14.78 -3.23 17.93
N LEU C 452 -15.02 -4.53 17.74
CA LEU C 452 -15.63 -5.37 18.75
C LEU C 452 -14.76 -6.53 19.19
N TYR C 453 -14.95 -6.90 20.45
CA TYR C 453 -14.23 -7.94 21.16
C TYR C 453 -15.15 -8.97 21.72
N ARG C 454 -14.77 -10.23 21.70
CA ARG C 454 -15.64 -11.21 22.31
C ARG C 454 -15.35 -11.35 23.77
N LEU C 455 -16.39 -11.19 24.58
CA LEU C 455 -16.26 -11.35 26.01
C LEU C 455 -16.85 -12.66 26.44
N PHE C 456 -17.84 -13.13 25.70
CA PHE C 456 -18.48 -14.38 26.11
C PHE C 456 -18.31 -15.50 25.13
N ARG C 457 -17.84 -16.60 25.66
CA ARG C 457 -17.67 -17.83 24.93
C ARG C 457 -17.78 -18.93 25.96
N LYS C 458 -18.28 -20.09 25.58
CA LYS C 458 -18.41 -21.19 26.53
C LYS C 458 -17.11 -21.93 26.83
N SER C 459 -16.16 -21.87 25.92
CA SER C 459 -14.91 -22.60 26.04
C SER C 459 -13.82 -21.86 25.31
N ASN C 460 -12.60 -22.26 25.51
CA ASN C 460 -11.52 -21.56 24.87
C ASN C 460 -11.32 -22.03 23.45
N LEU C 461 -10.71 -21.17 22.65
CA LEU C 461 -10.39 -21.44 21.27
C LEU C 461 -9.17 -22.28 21.08
N LYS C 462 -9.13 -23.00 19.98
CA LYS C 462 -7.95 -23.70 19.60
C LYS C 462 -7.15 -22.73 18.73
N PRO C 463 -5.88 -22.96 18.49
CA PRO C 463 -5.07 -22.10 17.69
C PRO C 463 -5.67 -21.85 16.34
N PHE C 464 -5.62 -20.58 15.99
CA PHE C 464 -6.10 -20.01 14.76
C PHE C 464 -7.57 -20.16 14.44
N GLU C 465 -8.41 -20.30 15.45
CA GLU C 465 -9.85 -20.30 15.18
C GLU C 465 -10.41 -18.88 15.15
N ARG C 466 -11.50 -18.71 14.40
CA ARG C 466 -12.25 -17.46 14.32
C ARG C 466 -13.69 -17.64 14.78
N ASP C 467 -13.97 -17.16 15.98
CA ASP C 467 -15.32 -17.26 16.49
C ASP C 467 -16.07 -16.03 16.07
N ILE C 468 -16.90 -16.19 15.06
CA ILE C 468 -17.62 -15.10 14.46
C ILE C 468 -19.10 -15.34 14.61
N SER C 469 -19.45 -16.18 15.57
CA SER C 469 -20.83 -16.48 15.83
C SER C 469 -21.50 -15.33 16.55
N THR C 470 -22.83 -15.34 16.53
CA THR C 470 -23.65 -14.33 17.17
C THR C 470 -24.59 -14.97 18.18
N GLU C 471 -24.19 -16.11 18.71
CA GLU C 471 -25.00 -16.85 19.65
C GLU C 471 -24.99 -16.11 20.96
N ILE C 472 -26.00 -16.35 21.77
CA ILE C 472 -26.21 -15.62 23.01
C ILE C 472 -25.89 -16.44 24.27
N TYR C 473 -25.18 -15.82 25.21
CA TYR C 473 -24.70 -16.48 26.44
C TYR C 473 -25.49 -16.30 27.74
N GLN C 474 -25.39 -17.32 28.59
CA GLN C 474 -26.06 -17.38 29.89
C GLN C 474 -25.52 -16.68 31.11
N ALA C 475 -26.45 -16.56 32.07
CA ALA C 475 -26.19 -16.00 33.39
C ALA C 475 -26.65 -16.97 34.45
N GLY C 476 -27.94 -17.10 34.64
CA GLY C 476 -28.42 -18.03 35.62
C GLY C 476 -28.56 -19.38 34.94
N SER C 477 -29.05 -20.38 35.67
CA SER C 477 -29.19 -21.74 35.12
C SER C 477 -30.50 -21.95 34.33
N THR C 478 -30.60 -21.25 33.20
CA THR C 478 -31.78 -21.27 32.34
C THR C 478 -31.37 -21.46 30.84
N PRO C 479 -32.33 -21.71 29.91
CA PRO C 479 -32.18 -21.67 28.44
C PRO C 479 -32.16 -20.23 27.93
N CYS C 480 -31.84 -20.01 26.63
CA CYS C 480 -31.90 -18.71 25.96
C CYS C 480 -32.23 -18.92 24.48
N PHE C 486 -30.84 -10.01 33.16
CA PHE C 486 -30.62 -11.33 33.74
C PHE C 486 -29.59 -12.13 32.98
N ASN C 487 -29.95 -12.67 31.79
CA ASN C 487 -29.13 -13.53 30.96
C ASN C 487 -29.20 -13.00 29.54
N CYS C 488 -28.85 -13.87 28.57
CA CYS C 488 -28.83 -13.64 27.14
C CYS C 488 -27.91 -12.49 26.75
N TYR C 489 -26.64 -12.68 27.06
CA TYR C 489 -25.63 -11.68 26.79
C TYR C 489 -25.18 -11.74 25.37
N PHE C 490 -25.14 -10.59 24.70
CA PHE C 490 -24.62 -10.58 23.36
C PHE C 490 -23.13 -10.75 23.57
N PRO C 491 -22.46 -11.68 22.89
CA PRO C 491 -21.06 -11.99 23.11
C PRO C 491 -20.03 -10.93 22.79
N LEU C 492 -20.38 -9.95 21.95
CA LEU C 492 -19.39 -8.97 21.59
C LEU C 492 -19.61 -7.62 22.22
N GLN C 493 -18.51 -6.98 22.55
CA GLN C 493 -18.47 -5.66 23.14
C GLN C 493 -17.64 -4.69 22.33
N SER C 494 -18.23 -3.58 21.92
CA SER C 494 -17.46 -2.60 21.18
C SER C 494 -16.62 -1.78 22.13
N TYR C 495 -15.50 -1.28 21.64
CA TYR C 495 -14.68 -0.44 22.49
C TYR C 495 -14.70 1.02 22.11
N GLY C 496 -14.69 1.85 23.11
CA GLY C 496 -14.67 3.28 22.94
C GLY C 496 -13.31 3.80 22.62
N PHE C 497 -12.86 3.54 21.41
CA PHE C 497 -11.57 4.05 21.04
C PHE C 497 -11.77 5.48 20.67
N GLN C 498 -11.28 6.33 21.55
CA GLN C 498 -11.50 7.74 21.54
C GLN C 498 -10.17 8.43 21.89
N PRO C 499 -9.88 9.63 21.37
CA PRO C 499 -8.69 10.43 21.65
C PRO C 499 -8.45 10.75 23.12
N THR C 500 -9.48 10.57 23.92
CA THR C 500 -9.49 10.81 25.34
C THR C 500 -8.79 9.73 26.15
N ASN C 501 -8.52 8.60 25.51
CA ASN C 501 -7.92 7.47 26.18
C ASN C 501 -6.47 7.59 26.55
N GLY C 502 -6.13 7.02 27.69
CA GLY C 502 -4.75 6.94 28.12
C GLY C 502 -4.14 5.83 27.28
N VAL C 503 -2.86 5.58 27.40
CA VAL C 503 -2.26 4.66 26.47
C VAL C 503 -2.81 3.27 26.46
N GLY C 504 -3.12 2.72 27.61
CA GLY C 504 -3.60 1.34 27.66
C GLY C 504 -4.91 1.14 26.92
N TYR C 505 -5.62 2.23 26.64
CA TYR C 505 -6.89 2.17 25.98
C TYR C 505 -6.82 2.67 24.56
N GLN C 506 -5.65 2.97 24.08
CA GLN C 506 -5.55 3.40 22.71
C GLN C 506 -5.58 2.11 21.92
N PRO C 507 -6.07 2.11 20.68
CA PRO C 507 -6.07 0.98 19.80
C PRO C 507 -4.67 0.73 19.28
N TYR C 508 -4.38 -0.53 19.03
CA TYR C 508 -3.18 -1.00 18.39
C TYR C 508 -3.45 -1.93 17.25
N ARG C 509 -2.66 -1.78 16.20
CA ARG C 509 -2.74 -2.63 15.05
C ARG C 509 -1.72 -3.71 15.15
N VAL C 510 -2.16 -4.93 14.98
CA VAL C 510 -1.31 -6.07 15.13
C VAL C 510 -1.25 -6.91 13.89
N VAL C 511 -0.04 -7.26 13.47
CA VAL C 511 0.15 -8.17 12.36
C VAL C 511 1.02 -9.33 12.79
N VAL C 512 0.52 -10.54 12.60
CA VAL C 512 1.32 -11.70 12.96
C VAL C 512 1.74 -12.44 11.72
N LEU C 513 3.02 -12.62 11.54
CA LEU C 513 3.51 -13.34 10.38
C LEU C 513 3.89 -14.74 10.80
N SER C 514 3.10 -15.70 10.38
CA SER C 514 3.30 -17.10 10.72
C SER C 514 4.06 -17.78 9.62
N PHE C 515 5.10 -18.53 9.99
CA PHE C 515 5.90 -19.15 8.96
C PHE C 515 5.80 -20.65 8.88
N GLU C 516 5.86 -21.14 7.66
CA GLU C 516 5.97 -22.55 7.39
C GLU C 516 7.33 -22.70 6.72
N LEU C 517 8.14 -23.70 7.08
CA LEU C 517 9.47 -23.81 6.49
C LEU C 517 10.19 -25.15 6.58
N LEU C 518 11.35 -25.18 5.91
CA LEU C 518 12.37 -26.24 5.89
C LEU C 518 12.03 -27.50 5.13
N HIS C 519 10.96 -28.18 5.49
CA HIS C 519 10.67 -29.39 4.70
C HIS C 519 9.77 -28.97 3.55
N ALA C 520 10.35 -28.22 2.60
CA ALA C 520 9.54 -27.66 1.54
C ALA C 520 10.28 -27.05 0.36
N PRO C 521 9.60 -26.96 -0.80
CA PRO C 521 9.99 -26.20 -1.96
C PRO C 521 9.64 -24.74 -1.71
N ALA C 522 10.40 -24.10 -0.85
CA ALA C 522 10.11 -22.74 -0.36
C ALA C 522 9.97 -21.71 -1.47
N THR C 523 9.00 -20.79 -1.32
CA THR C 523 8.70 -19.76 -2.31
C THR C 523 8.81 -18.30 -1.88
N VAL C 524 8.91 -18.00 -0.58
CA VAL C 524 9.00 -16.59 -0.18
C VAL C 524 10.41 -16.38 0.32
N CYS C 525 11.26 -15.68 -0.45
CA CYS C 525 12.71 -15.61 -0.18
C CYS C 525 13.20 -14.22 0.11
N GLY C 526 14.30 -14.14 0.84
CA GLY C 526 14.92 -12.85 1.05
C GLY C 526 15.68 -12.42 -0.20
N PRO C 527 16.25 -11.21 -0.19
CA PRO C 527 16.95 -10.56 -1.28
C PRO C 527 18.38 -11.02 -1.46
N LYS C 528 18.58 -12.26 -1.83
CA LYS C 528 19.94 -12.73 -1.99
C LYS C 528 20.39 -12.88 -3.41
N LYS C 529 21.66 -12.68 -3.62
CA LYS C 529 22.24 -12.77 -4.94
C LYS C 529 22.57 -14.17 -5.35
N SER C 530 21.57 -14.89 -5.82
CA SER C 530 21.82 -16.26 -6.22
C SER C 530 22.84 -16.31 -7.30
N THR C 531 23.70 -17.29 -7.19
CA THR C 531 24.76 -17.52 -8.15
C THR C 531 24.78 -19.00 -8.51
N ASN C 532 25.59 -19.38 -9.53
CA ASN C 532 25.82 -20.76 -10.02
C ASN C 532 24.62 -21.71 -9.77
C1 NAG D . 0.82 4.47 4.78
C2 NAG D . 0.13 4.92 6.13
C3 NAG D . 0.53 6.40 6.39
C4 NAG D . 2.07 6.51 6.47
C5 NAG D . 2.69 5.98 5.15
C6 NAG D . 4.21 5.97 5.19
C7 NAG D . -2.00 3.82 6.61
C8 NAG D . -3.48 3.69 6.42
N2 NAG D . -1.32 4.78 5.97
O3 NAG D . -0.06 6.83 7.63
O4 NAG D . 2.40 7.91 6.55
O5 NAG D . 2.25 4.59 4.91
O6 NAG D . 4.72 5.47 6.41
O7 NAG D . -1.41 3.03 7.36
C1 NAG D . 3.04 8.41 7.82
C2 NAG D . 3.65 9.83 7.51
C3 NAG D . 4.29 10.38 8.84
C4 NAG D . 3.22 10.44 9.96
C5 NAG D . 2.64 9.00 10.20
C6 NAG D . 1.51 8.94 11.22
C7 NAG D . 4.56 9.99 5.19
C8 NAG D . 5.70 9.82 4.23
N2 NAG D . 4.72 9.70 6.48
O3 NAG D . 4.79 11.71 8.60
O4 NAG D . 3.82 10.92 11.17
O5 NAG D . 2.08 8.49 8.91
O6 NAG D . 1.29 7.62 11.69
O7 NAG D . 3.48 10.42 4.75
C1 FUC D . 6.20 5.32 6.43
C2 FUC D . 6.67 5.45 7.91
C3 FUC D . 6.09 4.23 8.70
C4 FUC D . 6.58 2.89 8.07
C5 FUC D . 6.11 2.87 6.56
C6 FUC D . 6.58 1.65 5.76
O2 FUC D . 6.19 6.68 8.46
O3 FUC D . 6.48 4.33 10.08
O4 FUC D . 8.00 2.73 8.20
O5 FUC D . 6.64 4.06 5.85
C1 NAG E . 14.97 -22.42 -10.40
C2 NAG E . 16.04 -22.93 -11.45
C3 NAG E . 16.28 -24.45 -11.16
C4 NAG E . 16.80 -24.63 -9.68
C5 NAG E . 15.78 -24.03 -8.66
C6 NAG E . 16.31 -23.95 -7.22
C7 NAG E . 16.13 -21.89 -13.70
C8 NAG E . 15.51 -21.64 -15.04
N2 NAG E . 15.50 -22.66 -12.81
O3 NAG E . 17.25 -24.96 -12.09
O4 NAG E . 16.97 -26.03 -9.44
O5 NAG E . 15.51 -22.61 -9.05
O6 NAG E . 16.74 -25.21 -6.69
O7 NAG E . 17.22 -21.36 -13.45
#